data_4K87
#
_entry.id   4K87
#
_cell.length_a   120.163
_cell.length_b   120.163
_cell.length_c   107.098
_cell.angle_alpha   90.00
_cell.angle_beta   90.00
_cell.angle_gamma   120.00
#
_symmetry.space_group_name_H-M   'P 31 2 1'
#
loop_
_entity.id
_entity.type
_entity.pdbx_description
1 polymer 'Proline--tRNA ligase'
2 non-polymer 'ZINC ION'
3 non-polymer ADENOSINE
4 non-polymer PROLINE
5 water water
#
_entity_poly.entity_id   1
_entity_poly.type   'polypeptide(L)'
_entity_poly.pdbx_seq_one_letter_code
;MGSSHHHHHHSSGLVPRGSHMASGAGEGQGPKKQTRLGLEAKKEENLADWYSQVITKSEMIEYHDISGCYILRPWAYAIW
EAIKDFFDAEIKKLGVENCYFPMFVSQSALEKEKTHVADFAPEVAWVTRSGKTELAEPIAIRPTSETVMYPAYAKWVQSH
RDLPIKLNQWCNVVRWEFKHPQPFLRTREFLWQEGHSAFATMEEAAEEVLQILDLYAQVYEELLAIPVVKGRKTEKEKFA
GGDYTTTIEAFISASGRAIQGGTSHHLGQNFSKMFEIVFEDPKIPGEKQFAYQNSWGLTTRTIGVMTMVHGDNMGLVLPP
RVACVQVVIIPCGITNALSEEDKEALIAKCNDYRRRLLSVNIRVRADLRDNYSPGWKFNHWELKGVPIRLEVGPRDMKSC
QFVAVRRDTGEKLTVAENEAETKLQAILEDIQVTLFTRASEDLKTHMVVANTMEDFQKILDSGKIVQIPFCGEIDCEDWI
KKTTARDQDLEPGAPSMGAKSLCIPFKPLCELQPGAKCVCGKNPAKYYTLFGRSY
;
_entity_poly.pdbx_strand_id   A
#
loop_
_chem_comp.id
_chem_comp.type
_chem_comp.name
_chem_comp.formula
ADN non-polymer ADENOSINE 'C10 H13 N5 O4'
ZN non-polymer 'ZINC ION' 'Zn 2'
#
# COMPACT_ATOMS: atom_id res chain seq x y z
N LEU A 39 -21.33 -12.99 -4.56
CA LEU A 39 -20.15 -13.45 -3.80
C LEU A 39 -20.42 -14.69 -2.94
N GLU A 40 -19.69 -15.78 -3.20
CA GLU A 40 -19.89 -17.02 -2.45
C GLU A 40 -19.45 -16.96 -0.99
N ALA A 41 -18.14 -16.88 -0.79
CA ALA A 41 -17.56 -17.09 0.54
C ALA A 41 -17.84 -15.92 1.45
N LYS A 42 -17.58 -16.12 2.72
CA LYS A 42 -17.78 -15.05 3.68
C LYS A 42 -16.42 -14.66 4.22
N LYS A 43 -16.23 -13.37 4.42
CA LYS A 43 -14.96 -12.83 4.86
C LYS A 43 -14.55 -13.47 6.19
N GLU A 44 -15.56 -13.79 6.99
CA GLU A 44 -15.37 -14.27 8.35
C GLU A 44 -15.12 -15.77 8.43
N GLU A 45 -15.26 -16.46 7.30
CA GLU A 45 -15.11 -17.91 7.30
C GLU A 45 -13.82 -18.31 6.58
N ASN A 46 -13.90 -18.46 5.26
CA ASN A 46 -12.72 -18.76 4.46
C ASN A 46 -12.15 -17.49 3.81
N LEU A 47 -11.38 -16.72 4.57
CA LEU A 47 -10.84 -15.45 4.10
C LEU A 47 -10.02 -15.56 2.81
N ALA A 48 -9.26 -16.63 2.67
CA ALA A 48 -8.48 -16.82 1.46
C ALA A 48 -9.42 -17.08 0.28
N ASP A 49 -10.52 -17.78 0.54
CA ASP A 49 -11.50 -17.99 -0.51
C ASP A 49 -12.21 -16.67 -0.78
N TRP A 50 -12.53 -15.93 0.28
CA TRP A 50 -13.25 -14.67 0.15
C TRP A 50 -12.45 -13.67 -0.66
N TYR A 51 -11.15 -13.64 -0.39
CA TYR A 51 -10.23 -12.73 -1.06
C TYR A 51 -10.07 -13.12 -2.52
N SER A 52 -9.91 -14.41 -2.78
CA SER A 52 -9.68 -14.82 -4.15
C SER A 52 -10.89 -14.54 -5.03
N GLN A 53 -12.07 -14.47 -4.41
CA GLN A 53 -13.29 -14.20 -5.15
C GLN A 53 -13.50 -12.71 -5.35
N VAL A 54 -13.27 -11.94 -4.31
CA VAL A 54 -13.50 -10.50 -4.35
C VAL A 54 -12.59 -9.78 -5.36
N ILE A 55 -11.39 -10.30 -5.57
CA ILE A 55 -10.44 -9.62 -6.42
C ILE A 55 -10.63 -10.04 -7.87
N THR A 56 -11.34 -11.14 -8.08
CA THR A 56 -11.62 -11.62 -9.44
C THR A 56 -13.01 -11.19 -9.91
N LYS A 57 -14.00 -11.30 -9.02
CA LYS A 57 -15.37 -10.91 -9.35
C LYS A 57 -15.57 -9.39 -9.36
N SER A 58 -14.63 -8.65 -8.79
CA SER A 58 -14.63 -7.20 -8.94
C SER A 58 -13.83 -6.82 -10.17
N GLU A 59 -13.27 -7.83 -10.84
CA GLU A 59 -12.50 -7.65 -12.06
C GLU A 59 -11.16 -6.96 -11.86
N MET A 60 -10.61 -7.06 -10.66
CA MET A 60 -9.34 -6.43 -10.39
C MET A 60 -8.21 -7.30 -10.89
N ILE A 61 -8.35 -8.61 -10.68
CA ILE A 61 -7.24 -9.51 -10.92
C ILE A 61 -7.54 -10.70 -11.82
N GLU A 62 -6.50 -11.18 -12.47
CA GLU A 62 -6.64 -12.34 -13.32
C GLU A 62 -5.39 -13.16 -13.13
N TYR A 63 -5.55 -14.48 -12.98
CA TYR A 63 -4.42 -15.36 -12.68
C TYR A 63 -3.59 -15.65 -13.93
N HIS A 64 -2.29 -15.82 -13.75
CA HIS A 64 -1.40 -16.05 -14.88
C HIS A 64 -1.00 -17.51 -14.84
N ASP A 65 -0.36 -18.00 -15.90
CA ASP A 65 0.12 -19.38 -15.88
C ASP A 65 1.52 -19.53 -15.26
N ILE A 66 2.04 -18.45 -14.70
CA ILE A 66 3.26 -18.53 -13.93
C ILE A 66 2.96 -18.14 -12.50
N SER A 67 3.44 -18.96 -11.56
CA SER A 67 3.04 -18.82 -10.17
C SER A 67 3.42 -17.46 -9.59
N GLY A 68 2.53 -16.93 -8.74
CA GLY A 68 2.83 -15.70 -8.01
C GLY A 68 2.97 -14.52 -8.93
N CYS A 69 2.28 -14.61 -10.06
CA CYS A 69 2.27 -13.55 -11.04
C CYS A 69 0.83 -13.29 -11.43
N TYR A 70 0.48 -12.01 -11.44
CA TYR A 70 -0.91 -11.62 -11.48
C TYR A 70 -1.13 -10.47 -12.43
N ILE A 71 -2.26 -10.54 -13.13
CA ILE A 71 -2.67 -9.54 -14.09
C ILE A 71 -3.44 -8.42 -13.40
N LEU A 72 -2.96 -7.20 -13.53
CA LEU A 72 -3.72 -6.06 -13.05
C LEU A 72 -4.67 -5.56 -14.14
N ARG A 73 -5.94 -5.92 -14.02
CA ARG A 73 -6.96 -5.46 -14.93
C ARG A 73 -7.23 -3.99 -14.62
N PRO A 74 -7.86 -3.26 -15.55
CA PRO A 74 -7.96 -1.80 -15.44
C PRO A 74 -8.56 -1.28 -14.16
N TRP A 75 -9.57 -1.95 -13.63
CA TRP A 75 -10.20 -1.52 -12.39
C TRP A 75 -9.20 -1.46 -11.22
N ALA A 76 -8.22 -2.35 -11.25
CA ALA A 76 -7.14 -2.35 -10.28
C ALA A 76 -6.11 -1.29 -10.66
N TYR A 77 -5.73 -1.29 -11.92
CA TYR A 77 -4.61 -0.47 -12.35
C TYR A 77 -4.95 1.01 -12.20
N ALA A 78 -6.23 1.33 -12.17
CA ALA A 78 -6.70 2.69 -12.02
C ALA A 78 -6.46 3.20 -10.61
N ILE A 79 -6.61 2.33 -9.61
CA ILE A 79 -6.31 2.69 -8.23
C ILE A 79 -4.84 3.06 -8.08
N TRP A 80 -3.96 2.22 -8.63
CA TRP A 80 -2.53 2.47 -8.63
C TRP A 80 -2.26 3.83 -9.26
N GLU A 81 -2.86 4.06 -10.43
CA GLU A 81 -2.71 5.33 -11.11
C GLU A 81 -3.18 6.51 -10.27
N ALA A 82 -4.23 6.33 -9.48
CA ALA A 82 -4.65 7.38 -8.56
C ALA A 82 -3.57 7.61 -7.50
N ILE A 83 -3.07 6.53 -6.90
CA ILE A 83 -1.99 6.58 -5.92
C ILE A 83 -0.78 7.24 -6.55
N LYS A 84 -0.46 6.83 -7.76
CA LYS A 84 0.71 7.37 -8.45
C LYS A 84 0.53 8.86 -8.70
N ASP A 85 -0.67 9.27 -9.07
CA ASP A 85 -0.94 10.67 -9.29
C ASP A 85 -0.75 11.55 -8.07
N PHE A 86 -1.22 11.08 -6.93
CA PHE A 86 -0.99 11.76 -5.67
C PHE A 86 0.50 11.80 -5.30
N PHE A 87 1.10 10.63 -5.14
CA PHE A 87 2.47 10.56 -4.66
C PHE A 87 3.43 11.36 -5.51
N ASP A 88 3.30 11.20 -6.81
CA ASP A 88 4.16 11.85 -7.78
C ASP A 88 4.17 13.34 -7.66
N ALA A 89 3.01 13.94 -7.44
CA ALA A 89 2.96 15.40 -7.36
C ALA A 89 3.60 15.87 -6.06
N GLU A 90 3.58 15.01 -5.05
CA GLU A 90 4.16 15.37 -3.77
C GLU A 90 5.68 15.34 -3.77
N ILE A 91 6.27 14.23 -4.22
CA ILE A 91 7.72 14.16 -4.25
C ILE A 91 8.29 15.22 -5.20
N LYS A 92 7.52 15.56 -6.23
CA LYS A 92 7.93 16.58 -7.18
C LYS A 92 8.16 17.88 -6.44
N LYS A 93 7.24 18.18 -5.54
CA LYS A 93 7.32 19.35 -4.68
C LYS A 93 8.57 19.35 -3.79
N LEU A 94 9.09 18.17 -3.44
CA LEU A 94 10.31 18.05 -2.64
C LEU A 94 11.60 18.07 -3.48
N GLY A 95 11.51 18.21 -4.79
CA GLY A 95 12.70 18.30 -5.62
C GLY A 95 13.08 17.00 -6.27
N VAL A 96 12.30 15.94 -6.07
CA VAL A 96 12.57 14.68 -6.74
C VAL A 96 12.16 14.72 -8.20
N GLU A 97 12.95 14.07 -9.05
CA GLU A 97 12.62 13.95 -10.48
C GLU A 97 12.55 12.51 -10.88
N ASN A 98 11.72 12.20 -11.87
CA ASN A 98 11.55 10.84 -12.33
C ASN A 98 12.56 10.49 -13.39
N CYS A 99 12.85 9.20 -13.51
CA CYS A 99 13.85 8.72 -14.44
C CYS A 99 13.63 7.23 -14.66
N TYR A 100 14.45 6.60 -15.47
CA TYR A 100 14.33 5.15 -15.58
C TYR A 100 15.66 4.44 -15.83
N PHE A 101 15.99 3.56 -14.88
CA PHE A 101 17.22 2.76 -14.93
C PHE A 101 16.94 1.34 -15.42
N PRO A 102 17.96 0.67 -16.00
CA PRO A 102 17.76 -0.68 -16.54
C PRO A 102 17.29 -1.68 -15.50
N MET A 103 16.61 -2.69 -16.00
CA MET A 103 16.12 -3.78 -15.20
C MET A 103 17.26 -4.71 -14.80
N PHE A 104 18.21 -4.88 -15.72
CA PHE A 104 19.29 -5.83 -15.51
C PHE A 104 20.47 -5.25 -14.73
N VAL A 105 20.98 -6.06 -13.81
CA VAL A 105 22.13 -5.66 -13.03
C VAL A 105 23.20 -6.75 -13.11
N SER A 106 24.46 -6.33 -13.31
CA SER A 106 25.56 -7.27 -13.46
C SER A 106 25.98 -7.80 -12.11
N GLN A 107 26.45 -9.05 -12.09
CA GLN A 107 26.88 -9.69 -10.83
C GLN A 107 27.95 -8.91 -10.04
N SER A 108 28.82 -8.22 -10.76
CA SER A 108 29.86 -7.41 -10.12
C SER A 108 29.25 -6.30 -9.27
N ALA A 109 28.32 -5.57 -9.87
CA ALA A 109 27.70 -4.40 -9.25
C ALA A 109 26.77 -4.83 -8.11
N LEU A 110 26.00 -5.89 -8.36
CA LEU A 110 25.08 -6.47 -7.39
C LEU A 110 25.71 -6.69 -6.02
N GLU A 111 26.98 -7.11 -6.03
CA GLU A 111 27.66 -7.56 -4.82
C GLU A 111 28.37 -6.49 -4.01
N LYS A 112 28.61 -5.33 -4.62
CA LYS A 112 29.47 -4.31 -4.03
C LYS A 112 29.14 -3.95 -2.59
N GLU A 113 27.90 -4.16 -2.19
CA GLU A 113 27.56 -3.99 -0.78
C GLU A 113 27.16 -5.35 -0.27
N LYS A 114 28.13 -6.02 0.37
CA LYS A 114 28.01 -7.43 0.77
C LYS A 114 26.83 -7.74 1.70
N THR A 115 26.57 -6.87 2.67
CA THR A 115 25.43 -7.00 3.57
C THR A 115 24.09 -6.95 2.82
N HIS A 116 23.91 -5.94 1.96
CA HIS A 116 22.73 -5.79 1.12
C HIS A 116 22.45 -7.01 0.24
N VAL A 117 23.45 -7.42 -0.53
CA VAL A 117 23.29 -8.50 -1.50
C VAL A 117 23.06 -9.82 -0.81
N ALA A 118 23.54 -9.94 0.43
CA ALA A 118 23.37 -11.17 1.18
C ALA A 118 21.88 -11.44 1.33
N ASP A 119 21.16 -10.44 1.85
CA ASP A 119 19.73 -10.59 2.09
C ASP A 119 18.89 -10.92 0.85
N PHE A 120 19.21 -10.31 -0.29
CA PHE A 120 18.38 -10.48 -1.49
C PHE A 120 18.80 -11.65 -2.40
N ALA A 121 20.03 -12.14 -2.22
CA ALA A 121 20.64 -13.11 -3.14
C ALA A 121 19.81 -14.33 -3.58
N PRO A 122 19.11 -14.99 -2.63
CA PRO A 122 18.36 -16.19 -3.03
C PRO A 122 17.09 -15.93 -3.85
N GLU A 123 16.49 -14.75 -3.66
CA GLU A 123 15.24 -14.37 -4.35
C GLU A 123 15.49 -13.74 -5.72
N VAL A 124 16.75 -13.49 -6.05
CA VAL A 124 17.08 -12.87 -7.33
C VAL A 124 17.00 -13.86 -8.50
N ALA A 125 16.22 -13.51 -9.51
CA ALA A 125 16.13 -14.33 -10.71
C ALA A 125 17.26 -13.98 -11.68
N TRP A 126 17.80 -15.00 -12.37
CA TRP A 126 18.95 -14.83 -13.24
C TRP A 126 18.68 -15.20 -14.69
N VAL A 127 18.97 -14.28 -15.59
CA VAL A 127 18.83 -14.52 -17.01
C VAL A 127 20.09 -15.24 -17.44
N THR A 128 19.91 -16.32 -18.18
CA THR A 128 21.05 -17.16 -18.54
C THR A 128 21.26 -17.31 -20.05
N ARG A 129 20.19 -17.53 -20.79
CA ARG A 129 20.34 -17.67 -22.24
C ARG A 129 19.44 -16.73 -23.04
N SER A 130 19.94 -16.31 -24.19
CA SER A 130 19.16 -15.58 -25.16
C SER A 130 18.92 -16.55 -26.30
N GLY A 131 17.66 -16.93 -26.51
CA GLY A 131 17.36 -17.99 -27.44
C GLY A 131 18.07 -19.26 -26.98
N LYS A 132 18.95 -19.78 -27.83
CA LYS A 132 19.76 -20.93 -27.46
C LYS A 132 21.11 -20.48 -26.91
N THR A 133 21.57 -19.32 -27.38
CA THR A 133 22.84 -18.76 -26.92
C THR A 133 22.85 -18.47 -25.43
N GLU A 134 23.51 -19.34 -24.66
CA GLU A 134 23.88 -18.96 -23.31
C GLU A 134 24.84 -17.79 -23.47
N LEU A 135 24.63 -16.72 -22.71
CA LEU A 135 25.48 -15.54 -22.87
C LEU A 135 26.70 -15.64 -21.97
N ALA A 136 27.64 -14.71 -22.19
CA ALA A 136 28.93 -14.71 -21.51
C ALA A 136 28.85 -14.44 -20.01
N GLU A 137 27.64 -14.28 -19.48
CA GLU A 137 27.45 -14.01 -18.07
C GLU A 137 26.01 -14.28 -17.64
N PRO A 138 25.81 -14.59 -16.36
CA PRO A 138 24.44 -14.51 -15.85
C PRO A 138 24.16 -13.07 -15.38
N ILE A 139 23.09 -12.49 -15.91
CA ILE A 139 22.70 -11.16 -15.50
C ILE A 139 21.48 -11.26 -14.61
N ALA A 140 21.39 -10.33 -13.68
CA ALA A 140 20.33 -10.35 -12.70
C ALA A 140 19.20 -9.38 -13.06
N ILE A 141 17.98 -9.80 -12.78
CA ILE A 141 16.82 -8.92 -12.77
C ILE A 141 16.78 -8.18 -11.44
N ARG A 142 16.57 -6.86 -11.48
CA ARG A 142 16.50 -6.08 -10.26
C ARG A 142 15.45 -6.64 -9.30
N PRO A 143 15.83 -6.82 -8.04
CA PRO A 143 14.91 -7.06 -6.92
C PRO A 143 14.68 -5.74 -6.20
N THR A 144 15.55 -4.80 -6.54
CA THR A 144 15.59 -3.45 -6.02
C THR A 144 16.76 -2.83 -6.79
N SER A 145 16.96 -1.53 -6.68
CA SER A 145 17.78 -0.87 -7.70
C SER A 145 18.98 -0.09 -7.16
N GLU A 146 19.23 -0.20 -5.84
CA GLU A 146 20.41 0.42 -5.22
C GLU A 146 21.67 0.18 -6.06
N THR A 147 21.87 -1.06 -6.47
CA THR A 147 23.13 -1.44 -7.10
C THR A 147 23.13 -1.26 -8.62
N VAL A 148 21.97 -0.89 -9.17
CA VAL A 148 21.91 -0.43 -10.57
C VAL A 148 22.21 1.07 -10.64
N MET A 149 21.63 1.82 -9.70
CA MET A 149 21.69 3.28 -9.75
C MET A 149 22.98 3.83 -9.17
N TYR A 150 23.48 3.21 -8.11
CA TYR A 150 24.57 3.82 -7.34
C TYR A 150 25.91 4.01 -8.05
N PRO A 151 26.31 3.07 -8.92
CA PRO A 151 27.53 3.38 -9.69
C PRO A 151 27.39 4.69 -10.44
N ALA A 152 26.30 4.85 -11.20
CA ALA A 152 26.00 6.11 -11.87
C ALA A 152 25.93 7.32 -10.92
N TYR A 153 25.51 7.13 -9.68
CA TYR A 153 25.56 8.24 -8.71
C TYR A 153 27.01 8.70 -8.50
N ALA A 154 27.92 7.73 -8.38
CA ALA A 154 29.35 8.03 -8.30
C ALA A 154 29.81 8.85 -9.51
N LYS A 155 29.52 8.37 -10.73
CA LYS A 155 29.88 9.11 -11.93
C LYS A 155 29.34 10.54 -11.89
N TRP A 156 28.12 10.71 -11.36
CA TRP A 156 27.47 12.02 -11.38
C TRP A 156 27.93 12.96 -10.29
N VAL A 157 28.37 12.44 -9.16
CA VAL A 157 28.86 13.32 -8.09
C VAL A 157 30.36 13.56 -8.21
N GLN A 158 30.72 14.80 -8.52
CA GLN A 158 32.12 15.13 -8.62
C GLN A 158 32.44 16.33 -7.76
N SER A 159 31.40 17.07 -7.38
CA SER A 159 31.56 18.23 -6.51
C SER A 159 30.48 18.26 -5.45
N HIS A 160 30.64 19.17 -4.49
CA HIS A 160 29.61 19.41 -3.51
C HIS A 160 28.42 20.08 -4.23
N ARG A 161 28.68 20.61 -5.42
CA ARG A 161 27.65 21.25 -6.22
C ARG A 161 26.65 20.25 -6.76
N ASP A 162 27.11 19.01 -6.96
CA ASP A 162 26.29 17.96 -7.56
C ASP A 162 25.36 17.27 -6.57
N LEU A 163 25.41 17.67 -5.31
CA LEU A 163 24.44 17.14 -4.37
C LEU A 163 23.49 18.25 -4.07
N PRO A 164 22.23 17.91 -3.73
CA PRO A 164 21.67 16.54 -3.66
C PRO A 164 21.32 15.92 -5.01
N ILE A 165 21.21 14.61 -5.00
CA ILE A 165 20.70 13.88 -6.15
C ILE A 165 19.46 13.13 -5.68
N LYS A 166 18.31 13.45 -6.27
CA LYS A 166 17.02 12.85 -5.87
C LYS A 166 16.29 12.26 -7.06
N LEU A 167 16.24 10.96 -7.16
CA LEU A 167 15.62 10.36 -8.33
C LEU A 167 14.60 9.38 -7.89
N ASN A 168 13.53 9.27 -8.67
CA ASN A 168 12.53 8.26 -8.39
C ASN A 168 12.19 7.56 -9.67
N GLN A 169 11.89 6.27 -9.56
CA GLN A 169 11.35 5.58 -10.70
C GLN A 169 10.19 4.68 -10.32
N TRP A 170 9.21 4.66 -11.21
CA TRP A 170 8.07 3.76 -11.17
C TRP A 170 8.44 2.60 -12.05
N CYS A 171 8.45 1.40 -11.52
CA CYS A 171 8.79 0.27 -12.37
C CYS A 171 8.40 -1.01 -11.68
N ASN A 172 8.69 -2.12 -12.36
CA ASN A 172 8.52 -3.45 -11.78
C ASN A 172 9.84 -3.96 -11.22
N VAL A 173 9.76 -4.68 -10.10
CA VAL A 173 10.87 -5.54 -9.67
C VAL A 173 10.38 -6.97 -9.45
N VAL A 174 11.34 -7.89 -9.34
CA VAL A 174 11.07 -9.30 -9.15
C VAL A 174 11.78 -9.81 -7.92
N ARG A 175 11.06 -10.51 -7.06
CA ARG A 175 11.65 -11.19 -5.90
C ARG A 175 11.04 -12.58 -5.86
N TRP A 176 11.84 -13.57 -6.22
CA TRP A 176 11.30 -14.90 -6.45
C TRP A 176 11.25 -15.71 -5.17
N GLU A 177 10.10 -15.69 -4.48
CA GLU A 177 9.94 -16.50 -3.30
C GLU A 177 8.85 -17.51 -3.57
N PHE A 178 9.13 -18.75 -3.19
CA PHE A 178 8.25 -19.87 -3.51
C PHE A 178 7.17 -20.07 -2.47
N LYS A 179 7.28 -19.33 -1.37
CA LYS A 179 6.24 -19.32 -0.34
C LYS A 179 4.92 -19.05 -1.05
N HIS A 180 3.83 -19.64 -0.58
CA HIS A 180 2.59 -19.53 -1.33
C HIS A 180 2.13 -18.09 -1.45
N PRO A 181 2.00 -17.63 -2.70
CA PRO A 181 1.85 -16.21 -3.04
C PRO A 181 0.40 -15.79 -2.94
N GLN A 182 0.19 -14.50 -2.75
CA GLN A 182 -1.16 -13.96 -2.74
C GLN A 182 -1.12 -12.67 -3.53
N PRO A 183 -2.12 -12.47 -4.40
CA PRO A 183 -2.29 -11.25 -5.21
C PRO A 183 -2.13 -9.97 -4.37
N PHE A 184 -1.38 -9.02 -4.92
CA PHE A 184 -1.11 -7.73 -4.27
C PHE A 184 -0.20 -7.85 -3.06
N LEU A 185 -0.62 -8.69 -2.11
CA LEU A 185 0.06 -8.81 -0.82
C LEU A 185 1.45 -9.46 -0.90
N ARG A 186 1.57 -10.52 -1.69
CA ARG A 186 2.81 -11.30 -1.75
C ARG A 186 3.02 -11.91 -3.13
N THR A 187 3.59 -11.13 -4.04
CA THR A 187 3.70 -11.59 -5.42
C THR A 187 5.14 -11.61 -5.87
N ARG A 188 5.42 -12.42 -6.89
CA ARG A 188 6.80 -12.60 -7.34
C ARG A 188 7.26 -11.45 -8.22
N GLU A 189 6.33 -10.93 -9.03
CA GLU A 189 6.56 -9.66 -9.69
C GLU A 189 5.53 -8.66 -9.17
N PHE A 190 5.95 -7.39 -9.08
CA PHE A 190 5.04 -6.35 -8.63
C PHE A 190 5.49 -4.98 -9.14
N LEU A 191 4.58 -4.00 -9.07
CA LEU A 191 4.89 -2.62 -9.45
C LEU A 191 5.13 -1.80 -8.21
N TRP A 192 6.02 -0.84 -8.33
CA TRP A 192 6.25 0.08 -7.22
C TRP A 192 6.87 1.38 -7.68
N GLN A 193 7.03 2.29 -6.74
CA GLN A 193 8.01 3.35 -6.95
C GLN A 193 9.21 3.11 -6.02
N GLU A 194 10.37 3.60 -6.43
CA GLU A 194 11.52 3.67 -5.54
C GLU A 194 12.21 4.99 -5.73
N GLY A 195 12.42 5.69 -4.63
CA GLY A 195 13.16 6.94 -4.65
C GLY A 195 14.53 6.69 -4.01
N HIS A 196 15.56 7.29 -4.59
CA HIS A 196 16.92 7.16 -4.08
C HIS A 196 17.58 8.55 -4.04
N SER A 197 17.85 9.05 -2.85
CA SER A 197 18.49 10.36 -2.73
C SER A 197 19.88 10.34 -2.05
N ALA A 198 20.68 11.38 -2.32
CA ALA A 198 22.06 11.48 -1.87
C ALA A 198 22.35 12.91 -1.51
N PHE A 199 22.84 13.13 -0.29
CA PHE A 199 22.99 14.47 0.23
C PHE A 199 24.42 14.65 0.71
N ALA A 200 24.84 15.91 0.81
CA ALA A 200 26.16 16.25 1.32
C ALA A 200 26.18 15.91 2.80
N THR A 201 25.19 16.43 3.53
CA THR A 201 25.07 16.25 4.97
C THR A 201 24.13 15.11 5.35
N MET A 202 23.91 14.94 6.66
CA MET A 202 23.11 13.82 7.16
C MET A 202 21.82 14.36 7.69
N GLU A 203 21.84 15.62 8.12
CA GLU A 203 20.62 16.27 8.54
C GLU A 203 19.60 16.31 7.39
N GLU A 204 20.06 16.71 6.21
CA GLU A 204 19.27 16.71 4.98
C GLU A 204 18.66 15.37 4.72
N ALA A 205 19.50 14.34 4.72
CA ALA A 205 19.04 12.98 4.46
C ALA A 205 18.02 12.57 5.50
N ALA A 206 18.29 12.94 6.74
CA ALA A 206 17.43 12.59 7.85
C ALA A 206 16.05 13.13 7.61
N GLU A 207 16.00 14.35 7.13
CA GLU A 207 14.75 15.08 7.02
C GLU A 207 13.89 14.49 5.90
N GLU A 208 14.53 14.08 4.81
CA GLU A 208 13.84 13.45 3.72
C GLU A 208 13.18 12.13 4.13
N VAL A 209 13.85 11.31 4.93
CA VAL A 209 13.29 10.03 5.35
C VAL A 209 11.88 10.15 5.96
N LEU A 210 11.70 11.20 6.74
CA LEU A 210 10.51 11.37 7.54
C LEU A 210 9.43 12.09 6.74
N GLN A 211 9.85 12.87 5.77
CA GLN A 211 8.93 13.50 4.85
C GLN A 211 8.27 12.44 3.98
N ILE A 212 9.09 11.57 3.41
CA ILE A 212 8.58 10.49 2.61
C ILE A 212 7.64 9.61 3.41
N LEU A 213 7.99 9.29 4.65
CA LEU A 213 7.14 8.37 5.43
C LEU A 213 5.80 9.03 5.74
N ASP A 214 5.79 10.35 5.83
CA ASP A 214 4.54 11.07 6.00
C ASP A 214 3.63 11.02 4.73
N LEU A 215 4.23 11.18 3.54
CA LEU A 215 3.53 10.90 2.27
C LEU A 215 2.93 9.53 2.31
N TYR A 216 3.74 8.53 2.61
CA TYR A 216 3.22 7.17 2.62
C TYR A 216 2.09 7.05 3.60
N ALA A 217 2.15 7.81 4.68
CA ALA A 217 1.12 7.69 5.66
C ALA A 217 -0.13 8.30 5.05
N GLN A 218 0.04 9.44 4.36
CA GLN A 218 -1.09 10.07 3.68
C GLN A 218 -1.77 9.18 2.65
N VAL A 219 -0.98 8.59 1.76
CA VAL A 219 -1.48 7.61 0.82
C VAL A 219 -2.40 6.57 1.48
N TYR A 220 -1.95 5.99 2.59
CA TYR A 220 -2.77 5.03 3.30
C TYR A 220 -4.03 5.65 3.94
N GLU A 221 -3.88 6.81 4.55
CA GLU A 221 -4.93 7.41 5.36
C GLU A 221 -5.85 8.39 4.61
N GLU A 222 -5.27 9.28 3.83
CA GLU A 222 -6.05 10.18 3.00
C GLU A 222 -6.70 9.53 1.75
N LEU A 223 -5.98 8.64 1.09
CA LEU A 223 -6.47 8.03 -0.13
C LEU A 223 -7.19 6.73 0.11
N LEU A 224 -6.54 5.78 0.76
CA LEU A 224 -7.14 4.46 0.94
C LEU A 224 -7.97 4.34 2.20
N ALA A 225 -8.10 5.43 2.96
CA ALA A 225 -8.87 5.39 4.19
C ALA A 225 -8.41 4.28 5.15
N ILE A 226 -7.09 4.02 5.22
CA ILE A 226 -6.56 3.02 6.12
C ILE A 226 -5.68 3.70 7.18
N PRO A 227 -5.89 3.37 8.46
CA PRO A 227 -5.06 3.98 9.50
C PRO A 227 -3.76 3.17 9.65
N VAL A 228 -2.66 3.86 9.90
CA VAL A 228 -1.38 3.18 10.05
C VAL A 228 -0.63 3.63 11.30
N VAL A 229 0.33 2.83 11.73
CA VAL A 229 1.22 3.25 12.82
C VAL A 229 2.63 3.50 12.28
N LYS A 230 3.11 4.70 12.49
CA LYS A 230 4.44 5.03 12.04
C LYS A 230 5.40 4.62 13.12
N GLY A 231 6.50 3.99 12.73
CA GLY A 231 7.54 3.65 13.68
C GLY A 231 8.86 3.32 13.02
N ARG A 232 9.82 2.94 13.85
CA ARG A 232 11.15 2.53 13.39
C ARG A 232 11.26 1.02 13.45
N LYS A 233 11.78 0.40 12.40
CA LYS A 233 11.95 -1.04 12.43
C LYS A 233 13.04 -1.41 13.43
N THR A 234 12.98 -2.63 13.96
CA THR A 234 13.99 -3.06 14.93
C THR A 234 15.25 -3.40 14.18
N GLU A 235 16.35 -3.55 14.93
CA GLU A 235 17.61 -3.99 14.37
C GLU A 235 17.51 -5.31 13.59
N LYS A 236 16.66 -6.23 14.04
CA LYS A 236 16.52 -7.49 13.31
C LYS A 236 15.87 -7.27 11.96
N GLU A 237 14.87 -6.39 11.95
CA GLU A 237 13.96 -6.24 10.83
C GLU A 237 14.41 -5.22 9.75
N LYS A 238 15.27 -4.28 10.13
CA LYS A 238 15.67 -3.17 9.27
C LYS A 238 16.27 -3.62 7.96
N PHE A 239 16.41 -2.65 7.06
CA PHE A 239 16.77 -2.91 5.68
C PHE A 239 18.20 -3.36 5.62
N ALA A 240 18.47 -4.42 4.87
CA ALA A 240 19.83 -4.93 4.72
C ALA A 240 20.72 -3.91 4.03
N GLY A 241 21.66 -3.36 4.79
CA GLY A 241 22.48 -2.25 4.36
C GLY A 241 21.86 -1.06 5.05
N GLY A 242 22.59 0.02 5.24
CA GLY A 242 21.94 1.16 5.87
C GLY A 242 21.59 1.04 7.35
N ASP A 243 21.39 2.20 7.97
CA ASP A 243 21.42 2.38 9.40
C ASP A 243 20.08 2.25 10.09
N TYR A 244 19.07 2.96 9.58
CA TYR A 244 17.71 2.82 10.06
C TYR A 244 16.61 2.72 8.99
N THR A 245 15.58 1.94 9.32
CA THR A 245 14.39 1.81 8.53
C THR A 245 13.18 2.29 9.32
N THR A 246 12.47 3.26 8.75
CA THR A 246 11.18 3.65 9.29
C THR A 246 10.10 3.03 8.41
N THR A 247 8.90 2.92 8.95
CA THR A 247 7.91 2.08 8.34
C THR A 247 6.52 2.53 8.78
N ILE A 248 5.51 2.19 7.99
CA ILE A 248 4.14 2.34 8.45
C ILE A 248 3.51 0.96 8.43
N GLU A 249 2.75 0.67 9.45
CA GLU A 249 2.16 -0.66 9.56
C GLU A 249 0.65 -0.49 9.63
N ALA A 250 -0.05 -1.39 8.94
CA ALA A 250 -1.50 -1.42 8.95
C ALA A 250 -2.00 -2.75 9.50
N PHE A 251 -3.26 -2.76 9.94
CA PHE A 251 -3.82 -3.94 10.56
C PHE A 251 -5.01 -4.55 9.80
N ILE A 252 -4.82 -5.78 9.33
CA ILE A 252 -5.89 -6.53 8.68
C ILE A 252 -6.65 -7.39 9.69
N SER A 253 -7.67 -6.80 10.29
CA SER A 253 -8.40 -7.46 11.37
C SER A 253 -8.95 -8.85 11.01
N ALA A 254 -9.35 -9.04 9.76
CA ALA A 254 -9.91 -10.32 9.36
C ALA A 254 -8.98 -11.47 9.72
N SER A 255 -7.76 -11.46 9.20
CA SER A 255 -6.82 -12.56 9.52
C SER A 255 -6.05 -12.27 10.79
N GLY A 256 -6.42 -11.20 11.49
CA GLY A 256 -5.75 -10.82 12.74
C GLY A 256 -4.31 -10.31 12.60
N ARG A 257 -3.72 -10.50 11.43
CA ARG A 257 -2.34 -10.07 11.18
C ARG A 257 -2.20 -8.59 10.86
N ALA A 258 -0.98 -8.09 10.97
CA ALA A 258 -0.64 -6.76 10.47
C ALA A 258 0.20 -6.90 9.21
N ILE A 259 0.40 -5.79 8.51
CA ILE A 259 1.17 -5.80 7.27
C ILE A 259 1.92 -4.48 7.10
N GLN A 260 3.03 -4.52 6.39
CA GLN A 260 3.85 -3.34 6.13
C GLN A 260 3.43 -2.64 4.83
N GLY A 261 3.09 -1.36 4.94
CA GLY A 261 2.53 -0.61 3.82
C GLY A 261 3.53 0.15 2.96
N GLY A 262 4.64 0.58 3.58
CA GLY A 262 5.68 1.36 2.92
C GLY A 262 6.87 1.58 3.83
N THR A 263 8.07 1.70 3.25
CA THR A 263 9.28 1.91 4.04
C THR A 263 10.14 3.08 3.56
N SER A 264 10.81 3.73 4.49
CA SER A 264 11.69 4.85 4.19
C SER A 264 13.03 4.58 4.89
N HIS A 265 14.07 4.24 4.14
CA HIS A 265 15.35 3.88 4.78
C HIS A 265 16.39 4.98 4.77
N HIS A 266 17.13 5.09 5.87
CA HIS A 266 18.38 5.83 5.83
C HIS A 266 19.55 4.88 5.60
N LEU A 267 20.10 4.89 4.37
CA LEU A 267 21.21 4.01 4.01
C LEU A 267 22.56 4.46 4.58
N GLY A 268 22.60 5.65 5.17
CA GLY A 268 23.83 6.28 5.61
C GLY A 268 24.89 6.28 4.52
N GLN A 269 26.13 6.02 4.95
CA GLN A 269 27.23 6.00 4.00
C GLN A 269 27.55 4.60 3.54
N ASN A 270 26.73 3.64 3.95
CA ASN A 270 26.99 2.24 3.63
C ASN A 270 27.19 2.02 2.16
N PHE A 271 26.33 2.59 1.34
CA PHE A 271 26.44 2.33 -0.08
C PHE A 271 27.42 3.28 -0.69
N SER A 272 27.53 4.43 -0.05
CA SER A 272 28.37 5.52 -0.49
C SER A 272 29.82 5.05 -0.58
N LYS A 273 30.22 4.26 0.42
CA LYS A 273 31.58 3.77 0.52
C LYS A 273 31.81 2.55 -0.34
N MET A 274 30.78 1.78 -0.61
CA MET A 274 30.99 0.63 -1.49
C MET A 274 31.04 1.04 -2.97
N PHE A 275 30.48 2.20 -3.28
CA PHE A 275 30.27 2.57 -4.68
C PHE A 275 31.09 3.76 -5.11
N GLU A 276 31.80 4.33 -4.14
CA GLU A 276 32.70 5.44 -4.35
C GLU A 276 31.97 6.78 -4.56
N ILE A 277 30.73 6.84 -4.11
CA ILE A 277 30.01 8.09 -4.24
C ILE A 277 30.63 9.08 -3.27
N VAL A 278 31.56 9.89 -3.77
CA VAL A 278 32.39 10.76 -2.93
C VAL A 278 32.51 12.16 -3.45
N PHE A 279 32.85 13.07 -2.55
CA PHE A 279 33.11 14.45 -2.94
C PHE A 279 34.06 15.16 -1.98
N GLU A 280 34.71 16.20 -2.47
CA GLU A 280 35.54 17.01 -1.61
C GLU A 280 34.65 18.00 -0.88
N ASP A 281 34.68 17.97 0.46
CA ASP A 281 34.05 19.04 1.22
C ASP A 281 34.91 20.25 0.95
N PRO A 282 34.30 21.36 0.48
CA PRO A 282 35.07 22.58 0.20
C PRO A 282 35.67 23.20 1.47
N LYS A 283 34.87 23.36 2.52
CA LYS A 283 35.31 24.01 3.76
C LYS A 283 36.12 23.11 4.73
N ILE A 284 36.38 21.87 4.31
CA ILE A 284 37.26 20.94 5.03
C ILE A 284 38.17 20.26 4.00
N PRO A 285 38.99 21.05 3.28
CA PRO A 285 39.65 20.58 2.05
C PRO A 285 40.59 19.38 2.25
N GLY A 286 41.02 18.76 1.15
CA GLY A 286 41.96 17.67 1.20
C GLY A 286 41.35 16.34 1.61
N GLU A 287 40.39 16.40 2.54
CA GLU A 287 39.69 15.19 2.97
C GLU A 287 38.47 14.87 2.11
N LYS A 288 38.38 13.60 1.71
CA LYS A 288 37.29 13.11 0.90
C LYS A 288 36.07 12.85 1.78
N GLN A 289 34.89 13.05 1.21
CA GLN A 289 33.63 12.86 1.91
C GLN A 289 32.79 11.78 1.26
N PHE A 290 31.97 11.08 2.05
CA PHE A 290 30.98 10.18 1.50
C PHE A 290 29.57 10.78 1.61
N ALA A 291 28.79 10.63 0.54
CA ALA A 291 27.39 11.10 0.55
C ALA A 291 26.54 10.27 1.49
N TYR A 292 25.58 10.94 2.12
CA TYR A 292 24.56 10.24 2.88
C TYR A 292 23.42 9.91 1.94
N GLN A 293 22.84 8.72 2.11
CA GLN A 293 21.92 8.20 1.15
C GLN A 293 20.63 7.66 1.77
N ASN A 294 19.51 7.96 1.11
CA ASN A 294 18.22 7.42 1.49
C ASN A 294 17.70 6.62 0.34
N SER A 295 16.90 5.61 0.68
CA SER A 295 16.08 4.99 -0.32
C SER A 295 14.71 4.64 0.30
N TRP A 296 13.67 4.64 -0.53
CA TRP A 296 12.27 4.48 -0.07
C TRP A 296 11.31 3.93 -1.16
N GLY A 297 10.30 3.18 -0.73
CA GLY A 297 9.49 2.41 -1.66
C GLY A 297 8.05 2.15 -1.22
N LEU A 298 7.14 2.17 -2.19
CA LEU A 298 5.75 1.81 -1.96
C LEU A 298 5.24 0.98 -3.12
N THR A 299 4.44 -0.04 -2.86
CA THR A 299 4.08 -0.97 -3.91
C THR A 299 2.57 -1.18 -4.02
N THR A 300 2.19 -1.94 -5.05
CA THR A 300 0.83 -2.34 -5.28
C THR A 300 0.20 -3.13 -4.14
N ARG A 301 0.96 -3.53 -3.14
CA ARG A 301 0.32 -4.17 -2.00
C ARG A 301 -0.73 -3.25 -1.36
N THR A 302 -0.53 -1.93 -1.46
CA THR A 302 -1.57 -0.95 -1.14
C THR A 302 -2.99 -1.39 -1.51
N ILE A 303 -3.17 -1.85 -2.74
CA ILE A 303 -4.50 -2.25 -3.21
C ILE A 303 -5.02 -3.50 -2.49
N GLY A 304 -4.11 -4.42 -2.15
CA GLY A 304 -4.48 -5.55 -1.34
C GLY A 304 -4.85 -5.14 0.08
N VAL A 305 -4.11 -4.21 0.65
CA VAL A 305 -4.45 -3.79 1.99
C VAL A 305 -5.81 -3.12 1.96
N MET A 306 -6.04 -2.31 0.93
CA MET A 306 -7.34 -1.68 0.71
C MET A 306 -8.49 -2.69 0.66
N THR A 307 -8.33 -3.72 -0.15
CA THR A 307 -9.34 -4.77 -0.24
C THR A 307 -9.63 -5.50 1.09
N MET A 308 -8.57 -5.96 1.76
CA MET A 308 -8.68 -6.67 3.05
C MET A 308 -9.29 -5.82 4.16
N VAL A 309 -9.04 -4.52 4.17
CA VAL A 309 -9.56 -3.70 5.24
C VAL A 309 -11.03 -3.36 5.01
N HIS A 310 -11.37 -3.02 3.76
CA HIS A 310 -12.68 -2.45 3.47
C HIS A 310 -13.72 -3.39 2.82
N GLY A 311 -13.26 -4.48 2.22
CA GLY A 311 -14.12 -5.45 1.55
C GLY A 311 -15.27 -6.07 2.35
N ASP A 312 -16.36 -6.37 1.63
CA ASP A 312 -17.63 -6.83 2.19
C ASP A 312 -17.87 -8.25 1.79
N ASN A 313 -18.92 -8.83 2.37
CA ASN A 313 -19.45 -10.08 1.89
C ASN A 313 -20.18 -9.84 0.56
N MET A 314 -20.49 -8.58 0.30
CA MET A 314 -21.06 -8.15 -0.97
C MET A 314 -20.02 -7.79 -2.02
N GLY A 315 -18.74 -7.85 -1.64
CA GLY A 315 -17.67 -7.58 -2.59
C GLY A 315 -16.73 -6.46 -2.16
N LEU A 316 -16.01 -5.92 -3.13
CA LEU A 316 -15.02 -4.88 -2.91
C LEU A 316 -15.70 -3.62 -2.45
N VAL A 317 -15.00 -2.80 -1.67
CA VAL A 317 -15.49 -1.44 -1.50
C VAL A 317 -14.37 -0.40 -1.61
N LEU A 318 -14.62 0.63 -2.40
CA LEU A 318 -13.59 1.57 -2.81
C LEU A 318 -13.77 2.88 -2.14
N PRO A 319 -12.69 3.38 -1.54
CA PRO A 319 -12.71 4.73 -1.01
C PRO A 319 -12.89 5.67 -2.20
N PRO A 320 -13.85 6.59 -2.11
CA PRO A 320 -14.04 7.56 -3.18
C PRO A 320 -12.74 8.18 -3.72
N ARG A 321 -11.71 8.37 -2.91
CA ARG A 321 -10.54 9.08 -3.43
C ARG A 321 -9.80 8.31 -4.50
N VAL A 322 -10.04 7.00 -4.58
CA VAL A 322 -9.32 6.19 -5.55
C VAL A 322 -10.16 5.40 -6.57
N ALA A 323 -11.48 5.35 -6.45
CA ALA A 323 -12.25 4.52 -7.39
C ALA A 323 -12.19 5.00 -8.89
N CYS A 324 -12.04 4.07 -9.86
CA CYS A 324 -12.10 4.38 -11.34
C CYS A 324 -13.35 5.23 -11.49
N VAL A 325 -14.50 4.68 -11.06
CA VAL A 325 -15.72 5.45 -11.04
C VAL A 325 -16.28 5.60 -9.63
N GLN A 326 -16.64 6.84 -9.30
CA GLN A 326 -17.21 7.19 -8.01
C GLN A 326 -18.73 7.02 -7.97
N VAL A 327 -19.39 7.45 -9.05
CA VAL A 327 -20.84 7.38 -9.17
C VAL A 327 -21.22 6.60 -10.43
N VAL A 328 -21.95 5.50 -10.27
CA VAL A 328 -22.53 4.83 -11.42
C VAL A 328 -24.04 5.14 -11.55
N ILE A 329 -24.43 5.65 -12.72
CA ILE A 329 -25.81 5.98 -13.00
C ILE A 329 -26.50 4.79 -13.65
N ILE A 330 -27.62 4.39 -13.07
CA ILE A 330 -28.34 3.24 -13.60
C ILE A 330 -29.82 3.54 -13.87
N PRO A 331 -30.23 3.37 -15.13
CA PRO A 331 -31.65 3.41 -15.45
C PRO A 331 -32.25 2.13 -14.92
N CYS A 332 -33.31 2.25 -14.14
CA CYS A 332 -33.97 1.08 -13.59
C CYS A 332 -35.49 1.25 -13.60
N GLY A 333 -36.19 0.32 -12.97
CA GLY A 333 -37.64 0.34 -12.95
C GLY A 333 -38.26 0.23 -14.33
N ILE A 334 -37.42 -0.06 -15.33
CA ILE A 334 -37.90 -0.29 -16.70
C ILE A 334 -38.71 -1.58 -16.73
N THR A 335 -40.02 -1.45 -16.88
CA THR A 335 -40.89 -2.60 -17.10
C THR A 335 -40.79 -3.00 -18.56
N ASN A 336 -40.04 -4.07 -18.83
CA ASN A 336 -39.78 -4.58 -20.19
C ASN A 336 -41.02 -4.55 -21.09
N ALA A 337 -40.85 -3.98 -22.28
CA ALA A 337 -41.96 -3.60 -23.13
C ALA A 337 -42.97 -2.70 -22.38
N LEU A 338 -42.74 -1.39 -22.47
CA LEU A 338 -43.73 -0.42 -22.01
C LEU A 338 -43.80 0.78 -22.95
N SER A 339 -42.73 1.57 -23.03
CA SER A 339 -42.70 2.71 -23.95
C SER A 339 -41.35 2.94 -24.59
N GLU A 340 -41.33 3.54 -25.77
CA GLU A 340 -40.08 3.82 -26.48
C GLU A 340 -39.77 5.31 -26.48
N GLU A 341 -40.79 6.12 -26.22
CA GLU A 341 -40.61 7.55 -26.08
C GLU A 341 -40.11 7.80 -24.67
N ASP A 342 -40.55 6.93 -23.78
CA ASP A 342 -40.17 7.00 -22.38
C ASP A 342 -38.78 6.40 -22.17
N LYS A 343 -38.48 5.31 -22.87
CA LYS A 343 -37.14 4.71 -22.84
C LYS A 343 -36.11 5.75 -23.26
N GLU A 344 -36.56 6.71 -24.05
CA GLU A 344 -35.69 7.72 -24.58
C GLU A 344 -35.56 8.90 -23.61
N ALA A 345 -36.63 9.18 -22.89
CA ALA A 345 -36.63 10.28 -21.94
C ALA A 345 -35.79 9.88 -20.73
N LEU A 346 -35.72 8.57 -20.50
CA LEU A 346 -34.99 8.01 -19.37
C LEU A 346 -33.50 8.11 -19.61
N ILE A 347 -33.06 7.67 -20.78
CA ILE A 347 -31.68 7.79 -21.21
C ILE A 347 -31.25 9.24 -21.17
N ALA A 348 -32.11 10.12 -21.65
CA ALA A 348 -31.78 11.54 -21.70
C ALA A 348 -31.52 12.07 -20.28
N LYS A 349 -32.24 11.53 -19.30
CA LYS A 349 -32.11 11.96 -17.92
C LYS A 349 -30.82 11.44 -17.29
N CYS A 350 -30.55 10.15 -17.48
CA CYS A 350 -29.27 9.58 -17.11
C CYS A 350 -28.11 10.44 -17.59
N ASN A 351 -28.10 10.80 -18.87
CA ASN A 351 -27.03 11.65 -19.41
C ASN A 351 -27.03 13.09 -18.95
N ASP A 352 -28.17 13.62 -18.56
CA ASP A 352 -28.19 14.95 -17.97
C ASP A 352 -27.37 14.89 -16.68
N TYR A 353 -27.61 13.85 -15.89
CA TYR A 353 -26.92 13.65 -14.63
C TYR A 353 -25.43 13.49 -14.86
N ARG A 354 -25.05 12.57 -15.75
CA ARG A 354 -23.65 12.34 -16.03
C ARG A 354 -22.94 13.62 -16.39
N ARG A 355 -23.48 14.34 -17.34
CA ARG A 355 -22.83 15.57 -17.73
C ARG A 355 -22.73 16.58 -16.58
N ARG A 356 -23.69 16.59 -15.67
CA ARG A 356 -23.61 17.55 -14.59
C ARG A 356 -22.55 17.11 -13.55
N LEU A 357 -22.47 15.81 -13.31
CA LEU A 357 -21.49 15.28 -12.38
C LEU A 357 -20.06 15.42 -12.92
N LEU A 358 -19.87 15.17 -14.22
CA LEU A 358 -18.61 15.42 -14.87
C LEU A 358 -18.17 16.84 -14.67
N SER A 359 -19.12 17.76 -14.73
CA SER A 359 -18.86 19.19 -14.55
C SER A 359 -18.27 19.57 -13.19
N VAL A 360 -18.54 18.78 -12.17
CA VAL A 360 -18.04 19.06 -10.83
C VAL A 360 -17.05 17.97 -10.41
N ASN A 361 -16.30 17.51 -11.40
CA ASN A 361 -15.23 16.52 -11.22
C ASN A 361 -15.55 15.30 -10.41
N ILE A 362 -16.66 14.67 -10.74
CA ILE A 362 -17.02 13.43 -10.11
C ILE A 362 -16.80 12.42 -11.20
N ARG A 363 -16.11 11.34 -10.86
CA ARG A 363 -15.79 10.34 -11.86
C ARG A 363 -17.02 9.47 -11.99
N VAL A 364 -17.85 9.80 -12.97
CA VAL A 364 -19.16 9.17 -13.13
C VAL A 364 -19.28 8.36 -14.42
N ARG A 365 -19.90 7.20 -14.32
CA ARG A 365 -20.22 6.41 -15.50
C ARG A 365 -21.73 6.10 -15.52
N ALA A 366 -22.38 6.37 -16.66
CA ALA A 366 -23.76 5.94 -16.89
C ALA A 366 -23.78 4.59 -17.57
N ASP A 367 -24.35 3.59 -16.92
CA ASP A 367 -24.40 2.24 -17.48
C ASP A 367 -25.69 2.01 -18.25
N LEU A 368 -25.67 2.34 -19.54
CA LEU A 368 -26.90 2.38 -20.33
C LEU A 368 -27.24 1.07 -21.10
N ARG A 369 -26.32 0.11 -21.05
CA ARG A 369 -26.48 -1.21 -21.66
C ARG A 369 -27.83 -1.88 -21.56
N ASP A 370 -28.36 -2.34 -22.69
CA ASP A 370 -29.69 -2.96 -22.74
C ASP A 370 -29.66 -4.49 -22.72
N ASN A 371 -28.47 -5.07 -22.76
CA ASN A 371 -28.28 -6.52 -22.71
C ASN A 371 -28.38 -7.11 -21.30
N TYR A 372 -28.35 -6.23 -20.30
CA TYR A 372 -28.33 -6.61 -18.89
C TYR A 372 -29.45 -5.95 -18.10
N SER A 373 -30.02 -6.74 -17.19
CA SER A 373 -31.02 -6.30 -16.24
C SER A 373 -30.58 -5.14 -15.31
N PRO A 374 -31.53 -4.30 -14.86
CA PRO A 374 -31.17 -3.37 -13.78
C PRO A 374 -30.67 -4.08 -12.53
N GLY A 375 -31.32 -5.15 -12.13
CA GLY A 375 -30.88 -5.92 -10.99
C GLY A 375 -29.50 -6.52 -11.21
N TRP A 376 -29.17 -6.87 -12.44
CA TRP A 376 -27.85 -7.38 -12.75
C TRP A 376 -26.81 -6.26 -12.62
N LYS A 377 -27.11 -5.08 -13.16
CA LYS A 377 -26.22 -3.94 -13.04
C LYS A 377 -26.00 -3.54 -11.57
N PHE A 378 -27.06 -3.60 -10.77
CA PHE A 378 -26.96 -3.21 -9.37
C PHE A 378 -25.88 -4.05 -8.71
N ASN A 379 -25.95 -5.34 -8.96
CA ASN A 379 -25.03 -6.31 -8.40
C ASN A 379 -23.60 -6.20 -8.95
N HIS A 380 -23.51 -5.95 -10.26
CA HIS A 380 -22.22 -5.83 -10.94
C HIS A 380 -21.37 -4.74 -10.29
N TRP A 381 -21.92 -3.55 -10.20
CA TRP A 381 -21.18 -2.43 -9.67
C TRP A 381 -21.02 -2.53 -8.16
N GLU A 382 -21.84 -3.34 -7.50
CA GLU A 382 -21.61 -3.53 -6.07
C GLU A 382 -20.41 -4.42 -5.85
N LEU A 383 -20.29 -5.44 -6.68
CA LEU A 383 -19.14 -6.32 -6.61
C LEU A 383 -17.87 -5.55 -6.86
N LYS A 384 -17.98 -4.47 -7.64
CA LYS A 384 -16.82 -3.71 -8.02
C LYS A 384 -16.53 -2.59 -7.03
N GLY A 385 -17.47 -2.33 -6.14
CA GLY A 385 -17.25 -1.39 -5.06
C GLY A 385 -17.48 0.09 -5.33
N VAL A 386 -18.19 0.42 -6.40
CA VAL A 386 -18.48 1.82 -6.71
C VAL A 386 -19.20 2.44 -5.51
N PRO A 387 -18.66 3.55 -4.99
CA PRO A 387 -19.19 4.26 -3.82
C PRO A 387 -20.70 4.53 -3.86
N ILE A 388 -21.18 5.21 -4.89
CA ILE A 388 -22.58 5.57 -4.99
C ILE A 388 -23.21 5.01 -6.25
N ARG A 389 -24.30 4.28 -6.08
CA ARG A 389 -25.14 3.91 -7.21
C ARG A 389 -26.25 4.92 -7.34
N LEU A 390 -26.40 5.49 -8.53
CA LEU A 390 -27.42 6.48 -8.77
C LEU A 390 -28.57 5.86 -9.59
N GLU A 391 -29.72 5.69 -8.96
CA GLU A 391 -30.90 5.07 -9.58
C GLU A 391 -31.82 6.08 -10.22
N VAL A 392 -32.05 5.93 -11.53
CA VAL A 392 -33.06 6.73 -12.20
C VAL A 392 -34.16 5.86 -12.79
N GLY A 393 -35.36 6.08 -12.28
CA GLY A 393 -36.54 5.39 -12.75
C GLY A 393 -37.60 6.40 -13.14
N PRO A 394 -38.55 5.97 -13.95
CA PRO A 394 -39.65 6.81 -14.46
C PRO A 394 -40.47 7.43 -13.34
N ARG A 395 -40.79 6.63 -12.33
CA ARG A 395 -41.60 7.11 -11.23
C ARG A 395 -40.93 8.26 -10.54
N ASP A 396 -39.63 8.12 -10.34
CA ASP A 396 -38.82 9.14 -9.69
C ASP A 396 -38.66 10.38 -10.59
N MET A 397 -38.42 10.18 -11.89
CA MET A 397 -38.32 11.30 -12.82
C MET A 397 -39.57 12.18 -12.75
N LYS A 398 -40.73 11.54 -12.70
CA LYS A 398 -42.01 12.26 -12.58
C LYS A 398 -42.01 13.29 -11.47
N SER A 399 -41.39 12.95 -10.33
CA SER A 399 -41.27 13.87 -9.22
C SER A 399 -40.01 14.72 -9.30
N CYS A 400 -39.45 14.81 -10.50
CA CYS A 400 -38.35 15.73 -10.77
C CYS A 400 -37.21 15.39 -9.70
N GLN A 401 -36.85 14.10 -9.57
CA GLN A 401 -35.95 13.58 -8.49
C GLN A 401 -35.34 12.14 -8.71
N PHE A 402 -34.38 11.75 -7.86
CA PHE A 402 -33.70 10.42 -7.95
C PHE A 402 -33.23 9.79 -6.63
N VAL A 403 -32.69 8.57 -6.74
CA VAL A 403 -32.20 7.83 -5.57
C VAL A 403 -30.67 7.59 -5.57
N ALA A 404 -29.99 8.05 -4.52
CA ALA A 404 -28.56 7.77 -4.31
C ALA A 404 -28.39 6.67 -3.26
N VAL A 405 -27.60 5.65 -3.58
CA VAL A 405 -27.36 4.49 -2.69
C VAL A 405 -25.88 4.26 -2.33
N ARG A 406 -25.53 4.49 -1.05
CA ARG A 406 -24.17 4.35 -0.50
C ARG A 406 -23.71 2.90 -0.44
N ARG A 407 -22.56 2.59 -1.04
CA ARG A 407 -22.07 1.22 -1.07
C ARG A 407 -21.60 0.69 0.30
N ASP A 408 -21.16 1.58 1.18
CA ASP A 408 -20.60 1.16 2.48
C ASP A 408 -21.69 0.73 3.45
N THR A 409 -22.71 1.58 3.60
CA THR A 409 -23.82 1.33 4.52
C THR A 409 -25.04 0.70 3.84
N GLY A 410 -25.21 0.95 2.55
CA GLY A 410 -26.33 0.40 1.79
C GLY A 410 -27.51 1.31 1.96
N GLU A 411 -27.26 2.49 2.51
CA GLU A 411 -28.31 3.42 2.83
C GLU A 411 -28.80 4.16 1.59
N LYS A 412 -30.13 4.25 1.45
CA LYS A 412 -30.73 4.92 0.31
C LYS A 412 -31.17 6.31 0.68
N LEU A 413 -30.89 7.26 -0.20
CA LEU A 413 -31.36 8.62 0.00
C LEU A 413 -32.04 9.14 -1.28
N THR A 414 -33.26 9.63 -1.15
CA THR A 414 -33.92 10.26 -2.26
C THR A 414 -33.47 11.70 -2.33
N VAL A 415 -32.94 12.10 -3.48
CA VAL A 415 -32.42 13.45 -3.65
C VAL A 415 -33.13 14.22 -4.76
N ALA A 416 -33.43 15.49 -4.49
CA ALA A 416 -33.93 16.41 -5.51
C ALA A 416 -32.96 16.51 -6.67
N GLU A 417 -33.50 16.61 -7.88
CA GLU A 417 -32.69 16.65 -9.09
C GLU A 417 -31.79 17.89 -9.12
N ASN A 418 -32.25 18.99 -8.54
CA ASN A 418 -31.48 20.24 -8.60
C ASN A 418 -30.36 20.32 -7.55
N GLU A 419 -30.39 19.41 -6.58
CA GLU A 419 -29.35 19.36 -5.56
C GLU A 419 -28.37 18.23 -5.83
N ALA A 420 -28.33 17.74 -7.06
CA ALA A 420 -27.58 16.53 -7.37
C ALA A 420 -26.05 16.64 -7.14
N GLU A 421 -25.44 17.73 -7.59
CA GLU A 421 -23.99 17.88 -7.44
C GLU A 421 -23.58 18.00 -5.96
N THR A 422 -24.12 18.99 -5.28
CA THR A 422 -23.79 19.21 -3.89
C THR A 422 -24.07 18.00 -2.99
N LYS A 423 -25.14 17.27 -3.27
CA LYS A 423 -25.48 16.13 -2.43
C LYS A 423 -24.56 14.96 -2.63
N LEU A 424 -24.10 14.79 -3.87
CA LEU A 424 -23.29 13.63 -4.20
C LEU A 424 -21.85 13.85 -3.78
N GLN A 425 -21.39 15.09 -3.88
CA GLN A 425 -20.13 15.49 -3.29
C GLN A 425 -20.09 15.13 -1.82
N ALA A 426 -21.12 15.58 -1.09
CA ALA A 426 -21.20 15.42 0.36
C ALA A 426 -21.26 13.97 0.79
N ILE A 427 -21.90 13.12 0.00
CA ILE A 427 -22.03 11.73 0.35
C ILE A 427 -20.70 11.05 0.09
N LEU A 428 -20.06 11.39 -1.02
CA LEU A 428 -18.80 10.76 -1.36
C LEU A 428 -17.80 10.98 -0.21
N GLU A 429 -17.63 12.23 0.16
CA GLU A 429 -16.71 12.60 1.21
C GLU A 429 -17.16 12.05 2.56
N ASP A 430 -18.46 11.91 2.78
CA ASP A 430 -18.90 11.19 3.97
C ASP A 430 -18.55 9.70 3.97
N ILE A 431 -18.59 9.09 2.79
CA ILE A 431 -18.14 7.74 2.66
C ILE A 431 -16.64 7.61 2.93
N GLN A 432 -15.86 8.57 2.45
CA GLN A 432 -14.42 8.53 2.68
C GLN A 432 -14.16 8.53 4.20
N VAL A 433 -14.75 9.52 4.88
CA VAL A 433 -14.71 9.62 6.32
C VAL A 433 -15.18 8.35 7.06
N THR A 434 -16.33 7.80 6.68
CA THR A 434 -16.91 6.62 7.35
C THR A 434 -16.01 5.40 7.28
N LEU A 435 -15.47 5.16 6.09
CA LEU A 435 -14.56 4.06 5.89
C LEU A 435 -13.36 4.18 6.83
N PHE A 436 -12.74 5.36 6.86
CA PHE A 436 -11.57 5.59 7.66
C PHE A 436 -11.86 5.50 9.16
N THR A 437 -12.94 6.12 9.63
CA THR A 437 -13.22 5.99 11.04
C THR A 437 -13.56 4.56 11.47
N ARG A 438 -14.20 3.77 10.61
CA ARG A 438 -14.52 2.39 10.94
C ARG A 438 -13.25 1.58 11.12
N ALA A 439 -12.27 1.89 10.28
CA ALA A 439 -11.06 1.12 10.27
C ALA A 439 -10.16 1.65 11.37
N SER A 440 -10.32 2.95 11.67
CA SER A 440 -9.64 3.54 12.81
C SER A 440 -10.05 2.83 14.10
N GLU A 441 -11.34 2.84 14.40
CA GLU A 441 -11.83 2.21 15.63
C GLU A 441 -11.50 0.72 15.66
N ASP A 442 -11.45 0.10 14.50
CA ASP A 442 -11.05 -1.31 14.42
C ASP A 442 -9.60 -1.49 14.89
N LEU A 443 -8.73 -0.54 14.54
CA LEU A 443 -7.32 -0.57 14.90
C LEU A 443 -7.19 -0.38 16.40
N LYS A 444 -7.71 0.74 16.86
CA LYS A 444 -7.71 1.11 18.28
C LYS A 444 -8.12 0.00 19.27
N THR A 445 -8.89 -0.98 18.81
CA THR A 445 -9.32 -2.03 19.72
C THR A 445 -8.66 -3.36 19.36
N HIS A 446 -7.57 -3.31 18.60
CA HIS A 446 -6.90 -4.55 18.26
C HIS A 446 -5.40 -4.40 18.45
N MET A 447 -5.03 -3.17 18.80
CA MET A 447 -3.68 -2.84 19.24
C MET A 447 -3.81 -2.36 20.67
N VAL A 448 -3.28 -3.14 21.60
CA VAL A 448 -3.30 -2.77 23.01
C VAL A 448 -1.94 -3.02 23.66
N VAL A 449 -1.64 -2.28 24.72
CA VAL A 449 -0.42 -2.53 25.50
C VAL A 449 -0.58 -3.78 26.36
N ALA A 450 0.46 -4.61 26.39
CA ALA A 450 0.54 -5.74 27.33
C ALA A 450 1.95 -5.86 27.91
N ASN A 451 2.04 -5.71 29.23
CA ASN A 451 3.32 -5.57 29.93
C ASN A 451 4.09 -6.85 30.28
N THR A 452 3.45 -8.01 30.18
CA THR A 452 4.11 -9.25 30.58
C THR A 452 3.90 -10.30 29.51
N MET A 453 4.84 -11.23 29.39
CA MET A 453 4.75 -12.28 28.38
C MET A 453 3.51 -13.17 28.57
N GLU A 454 2.92 -13.14 29.77
CA GLU A 454 1.69 -13.89 30.02
C GLU A 454 0.57 -13.24 29.23
N ASP A 455 0.31 -11.98 29.56
CA ASP A 455 -0.75 -11.18 28.93
C ASP A 455 -0.53 -10.96 27.43
N PHE A 456 0.72 -10.77 27.04
CA PHE A 456 1.07 -10.61 25.63
C PHE A 456 0.74 -11.86 24.81
N GLN A 457 0.73 -13.04 25.43
CA GLN A 457 0.45 -14.24 24.65
C GLN A 457 -1.06 -14.47 24.52
N LYS A 458 -1.82 -14.05 25.52
CA LYS A 458 -3.27 -14.25 25.45
C LYS A 458 -3.90 -13.22 24.50
N ILE A 459 -3.46 -11.97 24.61
CA ILE A 459 -3.88 -10.90 23.71
C ILE A 459 -3.52 -11.21 22.25
N LEU A 460 -2.28 -11.67 22.02
CA LEU A 460 -1.82 -12.06 20.68
C LEU A 460 -2.61 -13.22 20.08
N ASP A 461 -3.29 -13.97 20.93
CA ASP A 461 -4.00 -15.14 20.46
C ASP A 461 -5.49 -14.86 20.27
N SER A 462 -5.94 -13.76 20.86
CA SER A 462 -7.30 -13.28 20.63
C SER A 462 -7.44 -12.71 19.21
N GLY A 463 -6.31 -12.60 18.51
CA GLY A 463 -6.27 -12.13 17.14
C GLY A 463 -5.85 -10.67 17.03
N LYS A 464 -4.90 -10.26 17.86
CA LYS A 464 -4.50 -8.85 17.93
C LYS A 464 -3.01 -8.57 17.75
N ILE A 465 -2.67 -7.29 17.88
CA ILE A 465 -1.28 -6.84 17.87
C ILE A 465 -1.04 -6.03 19.14
N VAL A 466 0.18 -6.11 19.65
CA VAL A 466 0.45 -5.66 21.00
C VAL A 466 1.70 -4.80 21.11
N GLN A 467 1.62 -3.77 21.95
CA GLN A 467 2.79 -2.98 22.29
C GLN A 467 3.36 -3.45 23.62
N ILE A 468 4.45 -4.21 23.55
CA ILE A 468 5.16 -4.72 24.72
C ILE A 468 6.40 -3.89 25.07
N PRO A 469 6.84 -3.96 26.34
CA PRO A 469 8.16 -3.42 26.68
C PRO A 469 9.22 -4.38 26.18
N PHE A 470 10.28 -3.85 25.58
CA PHE A 470 11.22 -4.68 24.81
C PHE A 470 12.66 -4.18 24.90
N CYS A 471 13.57 -5.11 25.20
CA CYS A 471 14.97 -4.77 25.43
C CYS A 471 15.67 -4.40 24.12
N GLY A 472 15.10 -4.83 23.00
CA GLY A 472 15.61 -4.43 21.70
C GLY A 472 16.61 -5.37 21.07
N GLU A 473 16.83 -6.52 21.70
CA GLU A 473 17.91 -7.39 21.26
C GLU A 473 17.49 -8.38 20.19
N ILE A 474 18.40 -8.65 19.26
CA ILE A 474 18.10 -9.56 18.18
C ILE A 474 17.81 -10.95 18.67
N ASP A 475 18.57 -11.41 19.66
CA ASP A 475 18.34 -12.72 20.27
C ASP A 475 16.95 -12.83 20.90
N CYS A 476 16.65 -11.86 21.76
CA CYS A 476 15.39 -11.85 22.49
C CYS A 476 14.22 -11.86 21.52
N GLU A 477 14.39 -11.15 20.41
CA GLU A 477 13.38 -11.06 19.34
C GLU A 477 13.18 -12.40 18.64
N ASP A 478 14.27 -13.09 18.33
CA ASP A 478 14.21 -14.42 17.73
C ASP A 478 13.52 -15.41 18.68
N TRP A 479 13.64 -15.14 19.97
CA TRP A 479 13.04 -15.95 21.02
C TRP A 479 11.52 -15.81 21.02
N ILE A 480 11.03 -14.56 21.06
CA ILE A 480 9.58 -14.30 21.10
C ILE A 480 8.89 -14.97 19.92
N LYS A 481 9.57 -15.00 18.80
CA LYS A 481 9.03 -15.61 17.59
C LYS A 481 8.81 -17.10 17.79
N LYS A 482 9.86 -17.79 18.22
CA LYS A 482 9.75 -19.22 18.50
C LYS A 482 8.75 -19.48 19.62
N THR A 483 8.87 -18.72 20.70
CA THR A 483 8.02 -18.87 21.88
C THR A 483 6.52 -18.73 21.58
N THR A 484 6.13 -17.65 20.90
CA THR A 484 4.72 -17.38 20.65
C THR A 484 4.09 -18.39 19.67
N ALA A 485 4.94 -19.07 18.90
CA ALA A 485 4.51 -20.15 18.00
C ALA A 485 4.40 -21.50 18.72
N ARG A 486 4.81 -21.52 19.98
CA ARG A 486 4.77 -22.73 20.82
C ARG A 486 3.57 -22.71 21.76
N ASP A 487 3.36 -21.57 22.42
CA ASP A 487 2.28 -21.43 23.39
C ASP A 487 0.89 -21.56 22.76
N GLN A 488 0.68 -20.91 21.62
CA GLN A 488 -0.58 -20.99 20.88
C GLN A 488 -0.48 -20.25 19.54
N SER A 496 -1.02 -20.42 12.67
CA SER A 496 0.01 -21.19 13.38
C SER A 496 1.43 -20.62 13.21
N MET A 497 1.56 -19.29 13.29
CA MET A 497 2.88 -18.65 13.20
C MET A 497 3.25 -17.89 14.46
N GLY A 498 4.48 -17.38 14.48
CA GLY A 498 4.98 -16.62 15.61
C GLY A 498 5.02 -15.13 15.37
N ALA A 499 4.67 -14.36 16.39
CA ALA A 499 4.70 -12.90 16.32
C ALA A 499 6.07 -12.34 15.87
N LYS A 500 6.03 -11.21 15.17
CA LYS A 500 7.24 -10.51 14.74
C LYS A 500 7.23 -9.07 15.25
N SER A 501 8.39 -8.44 15.21
CA SER A 501 8.42 -7.01 15.45
C SER A 501 7.74 -6.35 14.23
N LEU A 502 6.91 -5.36 14.52
CA LEU A 502 6.30 -4.57 13.45
C LEU A 502 7.11 -3.29 13.35
N CYS A 503 7.08 -2.51 14.41
CA CYS A 503 7.88 -1.31 14.50
C CYS A 503 7.95 -0.82 15.93
N ILE A 504 8.82 0.15 16.17
CA ILE A 504 8.88 0.79 17.46
C ILE A 504 8.19 2.11 17.32
N PRO A 505 6.92 2.17 17.74
CA PRO A 505 6.04 3.30 17.47
C PRO A 505 6.63 4.64 17.84
N PHE A 506 6.78 5.57 16.89
CA PHE A 506 7.14 6.95 17.21
C PHE A 506 6.29 7.54 18.35
N LYS A 507 5.05 7.12 18.45
CA LYS A 507 4.16 7.66 19.48
C LYS A 507 3.39 6.56 20.21
N PRO A 508 4.09 5.83 21.10
CA PRO A 508 3.62 4.55 21.61
C PRO A 508 2.45 4.76 22.55
N LEU A 509 1.69 3.69 22.77
CA LEU A 509 0.51 3.75 23.63
C LEU A 509 0.81 4.23 25.04
N CYS A 510 1.82 3.62 25.69
CA CYS A 510 2.15 3.94 27.09
C CYS A 510 3.56 4.51 27.26
N GLU A 511 3.75 5.41 28.23
CA GLU A 511 5.10 5.85 28.64
C GLU A 511 5.84 4.78 29.47
N LEU A 512 6.90 4.21 28.90
CA LEU A 512 7.68 3.17 29.56
C LEU A 512 8.31 3.61 30.90
N GLN A 513 7.85 2.98 31.99
CA GLN A 513 8.23 3.32 33.37
C GLN A 513 9.64 2.92 33.77
N PRO A 514 10.31 3.76 34.56
CA PRO A 514 11.72 3.55 34.92
C PRO A 514 12.01 2.09 35.32
N GLY A 515 11.31 1.55 36.29
CA GLY A 515 11.58 0.16 36.61
C GLY A 515 10.83 -0.77 35.66
N ALA A 516 11.34 -1.01 34.46
CA ALA A 516 10.56 -1.84 33.52
C ALA A 516 11.33 -2.93 32.79
N LYS A 517 10.85 -4.15 32.92
CA LYS A 517 11.54 -5.28 32.36
C LYS A 517 10.92 -5.67 31.04
N CYS A 518 11.80 -6.00 30.09
CA CYS A 518 11.37 -6.62 28.86
C CYS A 518 10.67 -7.93 29.19
N VAL A 519 9.86 -8.41 28.26
CA VAL A 519 9.07 -9.63 28.48
C VAL A 519 9.92 -10.92 28.36
N CYS A 520 11.24 -10.79 28.48
CA CYS A 520 12.11 -11.96 28.52
C CYS A 520 12.61 -12.18 29.95
N GLY A 521 12.31 -11.23 30.82
CA GLY A 521 12.83 -11.22 32.18
C GLY A 521 14.24 -10.68 32.29
N LYS A 522 15.13 -11.23 31.46
CA LYS A 522 16.57 -10.91 31.44
C LYS A 522 16.96 -9.42 31.52
N ASN A 523 16.82 -8.68 30.41
CA ASN A 523 17.26 -7.28 30.39
C ASN A 523 16.11 -6.35 30.72
N PRO A 524 16.43 -5.10 31.12
CA PRO A 524 15.32 -4.16 31.26
C PRO A 524 14.79 -3.73 29.86
N ALA A 525 13.67 -3.00 29.82
CA ALA A 525 13.06 -2.64 28.54
C ALA A 525 13.58 -1.32 28.03
N LYS A 526 13.97 -1.27 26.75
CA LYS A 526 14.41 -0.02 26.10
C LYS A 526 13.23 0.88 25.68
N TYR A 527 12.25 0.26 25.02
CA TYR A 527 11.15 0.99 24.43
C TYR A 527 9.95 0.10 24.13
N TYR A 528 8.76 0.63 24.32
CA TYR A 528 7.57 -0.07 23.90
C TYR A 528 7.65 -0.40 22.42
N THR A 529 7.53 -1.68 22.10
CA THR A 529 7.73 -2.10 20.73
C THR A 529 6.52 -2.88 20.25
N LEU A 530 6.04 -2.54 19.05
CA LEU A 530 4.84 -3.16 18.52
C LEU A 530 5.13 -4.53 17.90
N PHE A 531 4.38 -5.53 18.35
CA PHE A 531 4.56 -6.89 17.91
C PHE A 531 3.24 -7.47 17.48
N GLY A 532 3.27 -8.44 16.58
CA GLY A 532 2.06 -9.11 16.20
C GLY A 532 2.37 -10.13 15.15
N ARG A 533 1.38 -10.95 14.80
CA ARG A 533 1.49 -11.89 13.69
C ARG A 533 1.40 -11.09 12.40
N SER A 534 1.95 -11.60 11.31
CA SER A 534 2.11 -10.73 10.14
C SER A 534 2.25 -11.41 8.80
N TYR A 535 1.86 -10.66 7.77
CA TYR A 535 2.13 -10.99 6.37
C TYR A 535 3.59 -10.66 6.07
ZN ZN B . 14.04 -9.02 25.72
O5' ADN C . 10.72 -4.11 0.71
C5' ADN C . 10.21 -2.79 0.80
C4' ADN C . 8.81 -2.71 0.18
O4' ADN C . 8.53 -3.98 -0.32
C3' ADN C . 7.81 -2.55 1.27
O3' ADN C . 7.17 -1.32 1.11
C2' ADN C . 6.80 -3.64 1.05
O2' ADN C . 5.54 -3.06 1.05
C1' ADN C . 7.12 -4.06 -0.31
N9 ADN C . 6.83 -5.48 -0.59
C8 ADN C . 7.50 -6.47 -0.04
N7 ADN C . 7.03 -7.60 -0.52
C5 ADN C . 6.08 -7.31 -1.37
C6 ADN C . 5.31 -8.09 -2.11
N6 ADN C . 5.51 -9.38 -1.97
N1 ADN C . 4.39 -7.62 -2.93
C2 ADN C . 4.25 -6.26 -3.00
N3 ADN C . 5.06 -5.46 -2.22
C4 ADN C . 5.96 -6.00 -1.42
N PRO D . 15.04 -0.37 -2.03
CA PRO D . 14.25 -0.09 -0.83
C PRO D . 13.62 -1.36 -0.29
O PRO D . 13.65 -2.42 -0.93
CB PRO D . 13.14 0.84 -1.33
CG PRO D . 13.70 1.47 -2.53
CD PRO D . 14.64 0.48 -3.17
OXT PRO D . 13.05 -1.37 0.80
#